data_6FCP
#
_entry.id   6FCP
#
_cell.length_a   82.533
_cell.length_b   112.185
_cell.length_c   62.529
_cell.angle_alpha   90.00
_cell.angle_beta   90.00
_cell.angle_gamma   90.00
#
_symmetry.space_group_name_H-M   'C 2 2 21'
#
loop_
_entity.id
_entity.type
_entity.pdbx_description
1 polymer '14-3-3 protein sigma'
2 polymer 'Protein Shroom3'
3 non-polymer 'MAGNESIUM ION'
4 non-polymer 'CHLORIDE ION'
5 water water
#
loop_
_entity_poly.entity_id
_entity_poly.type
_entity_poly.pdbx_seq_one_letter_code
_entity_poly.pdbx_strand_id
1 'polypeptide(L)'
;GAMGSMERASLIQKAKLAEQAERYEDMAAFMKGAVEKGEELSCEERNLLSVAYKNVVGGQRAAWRVLSSIEQKSNEEGSE
EKGPEVREYREKVETELQGVCDTVLGLLDSHLIKEAGDAESRVFYLKMKGDYYRYLAEVATGDDKKRIIDSARSAYQEAM
DISKKEMPPTNPIRLGLALNFSVFHYEIANSPEEAISLAKTTFDEAMADLHTLSEDSYKDSTLIMQLLRDNLTLWT
;
A
2 'polypeptide(L)' AGPVHVRSR(SEP)SLATA P
#
loop_
_chem_comp.id
_chem_comp.type
_chem_comp.name
_chem_comp.formula
CL non-polymer 'CHLORIDE ION' 'Cl -1'
MG non-polymer 'MAGNESIUM ION' 'Mg 2'
#
# COMPACT_ATOMS: atom_id res chain seq x y z
N GLY A 1 2.12 24.88 -0.95
CA GLY A 1 0.66 24.65 -1.04
C GLY A 1 -0.08 25.21 0.15
N ALA A 2 -1.33 24.77 0.32
CA ALA A 2 -2.22 25.35 1.31
C ALA A 2 -1.76 25.09 2.73
N MET A 3 -0.92 24.09 2.96
CA MET A 3 -0.37 23.84 4.28
C MET A 3 0.97 24.54 4.52
N GLY A 4 1.45 25.33 3.57
CA GLY A 4 2.75 25.97 3.71
C GLY A 4 2.88 26.89 4.90
N SER A 5 1.77 27.48 5.36
CA SER A 5 1.81 28.41 6.48
CA SER A 5 1.79 28.42 6.47
C SER A 5 1.65 27.75 7.84
N MET A 6 1.39 26.45 7.89
CA MET A 6 1.15 25.78 9.16
C MET A 6 2.41 25.10 9.67
N GLU A 7 2.65 25.21 10.97
CA GLU A 7 3.80 24.57 11.58
C GLU A 7 3.78 23.07 11.34
N ARG A 8 4.97 22.49 11.15
CA ARG A 8 5.09 21.05 11.03
C ARG A 8 4.41 20.32 12.18
N ALA A 9 4.68 20.75 13.43
CA ALA A 9 4.12 20.02 14.55
C ALA A 9 2.60 20.13 14.57
N SER A 10 2.07 21.28 14.16
CA SER A 10 0.62 21.46 14.10
C SER A 10 -0.01 20.57 13.03
N LEU A 11 0.67 20.39 11.90
CA LEU A 11 0.17 19.48 10.87
C LEU A 11 0.11 18.06 11.39
N ILE A 12 1.14 17.62 12.11
N ILE A 12 1.13 17.63 12.13
CA ILE A 12 1.15 16.28 12.69
CA ILE A 12 1.12 16.26 12.66
C ILE A 12 0.03 16.13 13.70
C ILE A 12 0.04 16.11 13.72
N GLN A 13 -0.12 17.12 14.59
CA GLN A 13 -1.19 17.08 15.57
C GLN A 13 -2.54 16.96 14.90
N LYS A 14 -2.77 17.75 13.85
CA LYS A 14 -4.05 17.72 13.17
C LYS A 14 -4.25 16.43 12.39
N ALA A 15 -3.19 15.84 11.85
CA ALA A 15 -3.32 14.52 11.22
C ALA A 15 -3.85 13.51 12.22
N LYS A 16 -3.35 13.55 13.45
CA LYS A 16 -3.83 12.62 14.47
C LYS A 16 -5.30 12.87 14.82
N LEU A 17 -5.70 14.13 14.91
CA LEU A 17 -7.11 14.48 15.13
C LEU A 17 -7.98 13.98 13.99
N ALA A 18 -7.53 14.22 12.75
CA ALA A 18 -8.26 13.77 11.58
C ALA A 18 -8.44 12.25 11.58
N GLU A 19 -7.40 11.51 11.97
CA GLU A 19 -7.54 10.07 12.10
C GLU A 19 -8.64 9.71 13.09
N GLN A 20 -8.65 10.37 14.25
CA GLN A 20 -9.67 10.05 15.26
C GLN A 20 -11.06 10.34 14.74
N ALA A 21 -11.20 11.36 13.91
CA ALA A 21 -12.47 11.77 13.33
C ALA A 21 -12.79 11.04 12.04
N GLU A 22 -11.94 10.11 11.63
CA GLU A 22 -12.10 9.36 10.37
C GLU A 22 -12.22 10.29 9.15
N ARG A 23 -11.45 11.37 9.19
CA ARG A 23 -11.39 12.36 8.10
C ARG A 23 -10.09 12.14 7.36
N TYR A 24 -10.07 11.08 6.55
CA TYR A 24 -8.81 10.63 5.97
C TYR A 24 -8.29 11.54 4.86
N GLU A 25 -9.17 12.20 4.11
CA GLU A 25 -8.69 13.17 3.12
CA GLU A 25 -8.70 13.17 3.14
C GLU A 25 -7.98 14.32 3.82
N ASP A 26 -8.55 14.83 4.91
CA ASP A 26 -7.86 15.87 5.68
C ASP A 26 -6.54 15.33 6.22
N MET A 27 -6.56 14.12 6.76
CA MET A 27 -5.36 13.53 7.32
C MET A 27 -4.25 13.48 6.29
N ALA A 28 -4.58 13.07 5.06
CA ALA A 28 -3.59 12.99 4.00
C ALA A 28 -3.06 14.36 3.63
N ALA A 29 -3.94 15.36 3.53
CA ALA A 29 -3.51 16.70 3.22
C ALA A 29 -2.56 17.24 4.29
N PHE A 30 -2.86 16.96 5.56
CA PHE A 30 -1.98 17.43 6.63
C PHE A 30 -0.62 16.75 6.53
N MET A 31 -0.61 15.43 6.29
CA MET A 31 0.65 14.70 6.19
C MET A 31 1.45 15.10 4.96
N LYS A 32 0.78 15.38 3.83
CA LYS A 32 1.49 15.92 2.69
C LYS A 32 2.17 17.22 3.05
N GLY A 33 1.45 18.11 3.75
CA GLY A 33 2.06 19.35 4.20
C GLY A 33 3.26 19.11 5.09
N ALA A 34 3.16 18.14 5.99
CA ALA A 34 4.30 17.83 6.86
C ALA A 34 5.50 17.32 6.07
N VAL A 35 5.28 16.43 5.10
CA VAL A 35 6.38 15.93 4.28
C VAL A 35 7.05 17.10 3.56
N GLU A 36 6.25 18.01 3.03
CA GLU A 36 6.79 19.11 2.23
C GLU A 36 7.58 20.11 3.04
N LYS A 37 7.58 20.00 4.38
CA LYS A 37 8.50 20.81 5.18
C LYS A 37 9.95 20.44 4.92
N GLY A 38 10.20 19.25 4.39
CA GLY A 38 11.52 18.87 3.95
C GLY A 38 12.33 18.07 4.94
N GLU A 39 11.86 17.92 6.17
CA GLU A 39 12.55 17.09 7.14
C GLU A 39 12.15 15.64 6.97
N GLU A 40 13.05 14.74 7.36
CA GLU A 40 12.71 13.33 7.41
C GLU A 40 11.57 13.07 8.41
N LEU A 41 10.87 11.95 8.21
CA LEU A 41 9.75 11.55 9.06
C LEU A 41 10.19 10.49 10.06
N SER A 42 9.70 10.62 11.28
CA SER A 42 9.89 9.58 12.27
C SER A 42 9.04 8.36 11.93
N CYS A 43 9.26 7.29 12.69
CA CYS A 43 8.46 6.08 12.49
C CYS A 43 6.96 6.36 12.64
N GLU A 44 6.57 7.06 13.70
CA GLU A 44 5.16 7.35 13.91
C GLU A 44 4.60 8.20 12.76
N GLU A 45 5.37 9.18 12.32
CA GLU A 45 4.95 10.06 11.24
C GLU A 45 4.80 9.29 9.92
N ARG A 46 5.73 8.38 9.62
CA ARG A 46 5.61 7.55 8.44
C ARG A 46 4.33 6.75 8.48
N ASN A 47 3.99 6.23 9.65
CA ASN A 47 2.75 5.47 9.75
C ASN A 47 1.52 6.35 9.56
N LEU A 48 1.55 7.59 10.05
CA LEU A 48 0.42 8.50 9.80
C LEU A 48 0.25 8.77 8.31
N LEU A 49 1.36 8.99 7.61
CA LEU A 49 1.31 9.20 6.17
C LEU A 49 0.68 8.00 5.48
N SER A 50 1.13 6.80 5.84
CA SER A 50 0.64 5.58 5.22
C SER A 50 -0.84 5.36 5.52
N VAL A 51 -1.26 5.51 6.78
CA VAL A 51 -2.67 5.30 7.14
C VAL A 51 -3.55 6.25 6.35
N ALA A 52 -3.15 7.50 6.23
CA ALA A 52 -3.99 8.50 5.58
C ALA A 52 -4.23 8.13 4.13
N TYR A 53 -3.14 7.91 3.39
CA TYR A 53 -3.30 7.65 1.96
C TYR A 53 -3.89 6.27 1.69
N LYS A 54 -3.61 5.27 2.54
CA LYS A 54 -4.20 3.95 2.33
C LYS A 54 -5.71 4.03 2.44
N ASN A 55 -6.21 4.81 3.39
CA ASN A 55 -7.65 4.95 3.56
CA ASN A 55 -7.65 4.94 3.55
C ASN A 55 -8.26 5.72 2.40
N VAL A 56 -7.60 6.79 1.96
CA VAL A 56 -8.14 7.56 0.83
C VAL A 56 -8.21 6.68 -0.42
N VAL A 57 -7.08 6.06 -0.78
CA VAL A 57 -7.07 5.28 -2.01
CA VAL A 57 -7.04 5.26 -1.99
C VAL A 57 -7.92 4.02 -1.84
N GLY A 58 -8.02 3.49 -0.62
CA GLY A 58 -8.86 2.32 -0.43
C GLY A 58 -10.32 2.59 -0.77
N GLY A 59 -10.82 3.77 -0.40
CA GLY A 59 -12.17 4.12 -0.76
C GLY A 59 -12.32 4.34 -2.26
N GLN A 60 -11.31 4.93 -2.89
CA GLN A 60 -11.37 5.09 -4.34
C GLN A 60 -11.34 3.76 -5.06
N ARG A 61 -10.48 2.84 -4.60
CA ARG A 61 -10.40 1.52 -5.22
C ARG A 61 -11.72 0.78 -5.09
N ALA A 62 -12.35 0.83 -3.93
CA ALA A 62 -13.62 0.15 -3.76
C ALA A 62 -14.68 0.74 -4.69
N ALA A 63 -14.70 2.07 -4.81
CA ALA A 63 -15.68 2.70 -5.70
C ALA A 63 -15.39 2.34 -7.15
N TRP A 64 -14.12 2.36 -7.53
CA TRP A 64 -13.74 2.01 -8.89
C TRP A 64 -14.18 0.59 -9.23
N ARG A 65 -14.04 -0.34 -8.28
CA ARG A 65 -14.44 -1.72 -8.52
CA ARG A 65 -14.45 -1.71 -8.54
C ARG A 65 -15.95 -1.82 -8.72
N VAL A 66 -16.73 -1.09 -7.94
CA VAL A 66 -18.18 -1.10 -8.12
C VAL A 66 -18.53 -0.62 -9.52
N LEU A 67 -17.94 0.50 -9.93
CA LEU A 67 -18.30 1.10 -11.21
C LEU A 67 -17.79 0.25 -12.37
N SER A 68 -16.59 -0.31 -12.24
CA SER A 68 -16.08 -1.17 -13.31
CA SER A 68 -16.06 -1.19 -13.30
C SER A 68 -16.95 -2.41 -13.49
N SER A 69 -17.47 -2.95 -12.40
CA SER A 69 -18.35 -4.11 -12.51
CA SER A 69 -18.36 -4.11 -12.49
C SER A 69 -19.63 -3.75 -13.23
N ILE A 70 -20.19 -2.57 -12.92
CA ILE A 70 -21.41 -2.14 -13.62
C ILE A 70 -21.10 -1.93 -15.09
N GLU A 71 -19.93 -1.35 -15.39
CA GLU A 71 -19.56 -1.09 -16.77
C GLU A 71 -19.39 -2.39 -17.54
N GLN A 72 -18.75 -3.39 -16.94
CA GLN A 72 -18.57 -4.65 -17.64
CA GLN A 72 -18.57 -4.67 -17.60
C GLN A 72 -19.91 -5.34 -17.87
N LYS A 73 -20.84 -5.24 -16.92
CA LYS A 73 -22.16 -5.83 -17.12
C LYS A 73 -22.88 -5.17 -18.30
N SER A 74 -22.76 -3.84 -18.43
CA SER A 74 -23.41 -3.14 -19.51
C SER A 74 -22.87 -3.55 -20.88
N ASN A 75 -21.67 -4.10 -20.93
CA ASN A 75 -21.03 -4.46 -22.19
C ASN A 75 -21.23 -5.94 -22.55
N GLU A 76 -22.23 -6.59 -21.95
CA GLU A 76 -22.52 -7.98 -22.26
C GLU A 76 -23.58 -8.08 -23.35
N GLY A 78 -26.80 -8.91 -24.26
CA GLY A 78 -28.21 -8.54 -24.25
C GLY A 78 -28.50 -7.35 -23.36
N SER A 79 -27.44 -6.61 -23.02
CA SER A 79 -27.57 -5.47 -22.13
C SER A 79 -28.05 -4.25 -22.90
N GLU A 80 -29.04 -3.55 -22.36
CA GLU A 80 -29.57 -2.37 -23.01
C GLU A 80 -28.57 -1.23 -22.96
N GLU A 81 -28.44 -0.50 -24.07
CA GLU A 81 -27.55 0.65 -24.12
C GLU A 81 -28.06 1.75 -23.21
N LYS A 82 -27.19 2.25 -22.33
CA LYS A 82 -27.55 3.31 -21.40
C LYS A 82 -26.71 4.56 -21.59
N GLY A 83 -25.89 4.62 -22.64
CA GLY A 83 -25.15 5.82 -22.94
C GLY A 83 -23.78 5.82 -22.33
N PRO A 84 -23.12 6.98 -22.36
CA PRO A 84 -21.71 7.07 -21.92
C PRO A 84 -21.52 7.26 -20.42
N GLU A 85 -22.60 7.35 -19.65
CA GLU A 85 -22.49 7.84 -18.28
C GLU A 85 -21.68 6.90 -17.38
N VAL A 86 -21.88 5.59 -17.47
CA VAL A 86 -21.13 4.67 -16.62
CA VAL A 86 -21.14 4.72 -16.58
C VAL A 86 -19.64 4.80 -16.87
N ARG A 87 -19.25 4.76 -18.15
CA ARG A 87 -17.85 4.94 -18.51
C ARG A 87 -17.33 6.27 -18.02
N GLU A 88 -18.07 7.35 -18.27
CA GLU A 88 -17.61 8.67 -17.83
C GLU A 88 -17.35 8.70 -16.33
N TYR A 89 -18.28 8.16 -15.54
CA TYR A 89 -18.14 8.28 -14.10
C TYR A 89 -17.03 7.35 -13.58
N ARG A 90 -16.91 6.14 -14.15
CA ARG A 90 -15.77 5.28 -13.83
C ARG A 90 -14.45 5.99 -14.16
N GLU A 91 -14.39 6.68 -15.30
CA GLU A 91 -13.20 7.43 -15.67
C GLU A 91 -12.91 8.55 -14.68
N LYS A 92 -13.96 9.20 -14.17
CA LYS A 92 -13.77 10.29 -13.21
C LYS A 92 -13.13 9.76 -11.95
N VAL A 93 -13.68 8.68 -11.40
CA VAL A 93 -13.14 8.08 -10.20
C VAL A 93 -11.73 7.57 -10.46
N GLU A 94 -11.51 6.93 -11.61
CA GLU A 94 -10.19 6.43 -11.98
C GLU A 94 -9.16 7.55 -12.01
N THR A 95 -9.52 8.68 -12.61
CA THR A 95 -8.58 9.79 -12.73
C THR A 95 -8.25 10.34 -11.34
N GLU A 96 -9.24 10.41 -10.45
CA GLU A 96 -8.96 10.88 -9.10
CA GLU A 96 -8.98 10.88 -9.09
C GLU A 96 -8.06 9.92 -8.35
N LEU A 97 -8.30 8.61 -8.53
CA LEU A 97 -7.45 7.59 -7.92
CA LEU A 97 -7.44 7.59 -7.91
C LEU A 97 -6.01 7.71 -8.42
N GLN A 98 -5.85 7.83 -9.73
CA GLN A 98 -4.51 7.98 -10.30
C GLN A 98 -3.84 9.24 -9.76
N GLY A 99 -4.62 10.30 -9.57
CA GLY A 99 -4.05 11.52 -9.01
C GLY A 99 -3.52 11.33 -7.62
N VAL A 100 -4.25 10.59 -6.78
CA VAL A 100 -3.76 10.33 -5.42
C VAL A 100 -2.50 9.48 -5.47
N CYS A 101 -2.48 8.45 -6.32
CA CYS A 101 -1.27 7.64 -6.44
C CYS A 101 -0.09 8.49 -6.90
N ASP A 102 -0.32 9.35 -7.90
CA ASP A 102 0.75 10.22 -8.38
C ASP A 102 1.23 11.14 -7.29
N THR A 103 0.33 11.63 -6.44
CA THR A 103 0.72 12.49 -5.34
C THR A 103 1.63 11.76 -4.38
N VAL A 104 1.26 10.54 -3.99
CA VAL A 104 2.09 9.77 -3.07
C VAL A 104 3.45 9.48 -3.69
N LEU A 105 3.44 9.00 -4.95
CA LEU A 105 4.69 8.70 -5.62
C LEU A 105 5.57 9.93 -5.74
N GLY A 106 4.94 11.10 -5.91
CA GLY A 106 5.71 12.34 -5.97
C GLY A 106 6.37 12.68 -4.65
N LEU A 107 5.69 12.44 -3.53
CA LEU A 107 6.31 12.68 -2.25
C LEU A 107 7.47 11.75 -2.03
N LEU A 108 7.31 10.49 -2.44
CA LEU A 108 8.37 9.51 -2.27
C LEU A 108 9.58 9.90 -3.11
N ASP A 109 9.35 10.41 -4.32
CA ASP A 109 10.46 10.79 -5.19
C ASP A 109 11.06 12.14 -4.84
N SER A 110 10.33 12.98 -4.12
CA SER A 110 10.77 14.36 -3.83
C SER A 110 10.39 14.68 -2.38
N HIS A 111 11.18 14.21 -1.39
CA HIS A 111 12.46 13.53 -1.55
C HIS A 111 12.61 12.44 -0.49
N LEU A 112 11.51 11.77 -0.15
CA LEU A 112 11.54 10.87 0.99
C LEU A 112 12.53 9.73 0.79
N ILE A 113 12.48 9.08 -0.37
CA ILE A 113 13.32 7.89 -0.56
C ILE A 113 14.79 8.26 -0.53
N LYS A 114 15.19 9.31 -1.24
CA LYS A 114 16.61 9.58 -1.37
C LYS A 114 17.25 9.97 -0.04
N GLU A 115 16.48 10.47 0.91
CA GLU A 115 17.03 10.82 2.21
C GLU A 115 16.92 9.69 3.21
N ALA A 116 16.27 8.57 2.86
CA ALA A 116 16.04 7.47 3.79
C ALA A 116 17.23 6.51 3.75
N GLY A 117 18.01 6.50 4.81
CA GLY A 117 19.20 5.68 4.90
C GLY A 117 19.08 4.47 5.81
N ASP A 118 18.23 4.55 6.81
CA ASP A 118 18.05 3.42 7.70
C ASP A 118 17.15 2.40 7.02
N ALA A 119 17.34 1.13 7.34
CA ALA A 119 16.57 0.09 6.69
C ALA A 119 15.08 0.27 6.93
N GLU A 120 14.70 0.63 8.17
N GLU A 120 14.69 0.63 8.16
CA GLU A 120 13.28 0.73 8.50
CA GLU A 120 13.26 0.70 8.46
C GLU A 120 12.59 1.81 7.69
C GLU A 120 12.57 1.82 7.69
N SER A 121 13.25 2.94 7.45
CA SER A 121 12.61 3.98 6.67
C SER A 121 12.66 3.66 5.18
N ARG A 122 13.82 3.21 4.69
CA ARG A 122 13.97 2.95 3.27
C ARG A 122 13.03 1.85 2.79
N VAL A 123 12.95 0.76 3.55
CA VAL A 123 12.05 -0.34 3.19
C VAL A 123 10.60 0.15 3.23
N PHE A 124 10.24 0.92 4.25
CA PHE A 124 8.89 1.45 4.36
C PHE A 124 8.50 2.23 3.10
N TYR A 125 9.40 3.12 2.66
CA TYR A 125 9.07 3.99 1.53
C TYR A 125 9.06 3.21 0.23
N LEU A 126 9.98 2.25 0.07
CA LEU A 126 10.00 1.47 -1.15
C LEU A 126 8.77 0.58 -1.24
N LYS A 127 8.34 0.04 -0.10
N LYS A 127 8.34 0.03 -0.09
CA LYS A 127 7.07 -0.71 -0.08
CA LYS A 127 7.07 -0.71 -0.08
C LYS A 127 5.91 0.18 -0.50
C LYS A 127 5.92 0.19 -0.53
N MET A 128 5.87 1.42 0.01
CA MET A 128 4.83 2.37 -0.41
C MET A 128 4.88 2.60 -1.91
N LYS A 129 6.09 2.77 -2.45
CA LYS A 129 6.23 2.96 -3.89
C LYS A 129 5.66 1.77 -4.64
N GLY A 130 5.99 0.55 -4.22
CA GLY A 130 5.42 -0.63 -4.85
C GLY A 130 3.89 -0.66 -4.75
N ASP A 131 3.37 -0.33 -3.57
CA ASP A 131 1.92 -0.35 -3.36
C ASP A 131 1.20 0.61 -4.29
N TYR A 132 1.71 1.85 -4.42
CA TYR A 132 0.97 2.84 -5.21
C TYR A 132 1.13 2.60 -6.70
N TYR A 133 2.25 2.02 -7.14
CA TYR A 133 2.31 1.54 -8.51
C TYR A 133 1.37 0.36 -8.71
N ARG A 134 1.22 -0.50 -7.70
CA ARG A 134 0.27 -1.60 -7.81
C ARG A 134 -1.16 -1.09 -7.97
N TYR A 135 -1.52 -0.03 -7.24
CA TYR A 135 -2.86 0.51 -7.39
C TYR A 135 -3.04 1.14 -8.76
N LEU A 136 -2.00 1.78 -9.30
CA LEU A 136 -2.06 2.25 -10.69
C LEU A 136 -2.22 1.08 -11.65
N ALA A 137 -1.56 -0.05 -11.36
CA ALA A 137 -1.65 -1.20 -12.26
C ALA A 137 -3.05 -1.80 -12.27
N GLU A 138 -3.76 -1.71 -11.15
CA GLU A 138 -5.09 -2.30 -11.07
C GLU A 138 -6.05 -1.66 -12.07
N VAL A 139 -5.82 -0.41 -12.44
CA VAL A 139 -6.71 0.33 -13.34
C VAL A 139 -6.10 0.54 -14.72
N ALA A 140 -4.86 0.12 -14.92
CA ALA A 140 -4.13 0.38 -16.16
C ALA A 140 -4.57 -0.59 -17.24
N THR A 141 -4.65 -0.08 -18.46
CA THR A 141 -5.02 -0.85 -19.65
C THR A 141 -4.18 -0.36 -20.82
N LYS A 145 0.81 -0.14 -19.13
CA LYS A 145 0.53 -1.06 -18.04
C LYS A 145 1.72 -1.95 -17.71
N LYS A 146 2.41 -2.44 -18.75
CA LYS A 146 3.60 -3.23 -18.50
C LYS A 146 4.63 -2.43 -17.73
N ARG A 147 4.82 -1.16 -18.09
CA ARG A 147 5.82 -0.34 -17.40
C ARG A 147 5.39 -0.06 -15.96
N ILE A 148 4.09 0.15 -15.73
CA ILE A 148 3.62 0.35 -14.36
C ILE A 148 3.88 -0.89 -13.52
N ILE A 149 3.56 -2.05 -14.07
CA ILE A 149 3.81 -3.31 -13.37
C ILE A 149 5.28 -3.46 -13.06
N ASP A 150 6.16 -3.16 -14.02
CA ASP A 150 7.58 -3.29 -13.76
C ASP A 150 8.06 -2.30 -12.69
N SER A 151 7.47 -1.11 -12.65
CA SER A 151 7.85 -0.15 -11.61
C SER A 151 7.46 -0.65 -10.23
N ALA A 152 6.26 -1.24 -10.11
CA ALA A 152 5.87 -1.84 -8.83
C ALA A 152 6.82 -2.96 -8.46
N ARG A 153 7.08 -3.87 -9.40
CA ARG A 153 7.97 -4.99 -9.15
CA ARG A 153 7.97 -4.99 -9.15
C ARG A 153 9.34 -4.51 -8.67
N SER A 154 9.90 -3.52 -9.35
CA SER A 154 11.24 -3.04 -9.04
CA SER A 154 11.25 -3.05 -9.03
C SER A 154 11.31 -2.45 -7.64
N ALA A 155 10.30 -1.65 -7.26
CA ALA A 155 10.29 -1.07 -5.92
C ALA A 155 10.17 -2.16 -4.85
N TYR A 156 9.25 -3.09 -5.04
CA TYR A 156 9.11 -4.18 -4.09
C TYR A 156 10.40 -4.99 -3.98
N GLN A 157 11.06 -5.24 -5.12
CA GLN A 157 12.26 -6.08 -5.11
C GLN A 157 13.38 -5.38 -4.36
N GLU A 158 13.57 -4.08 -4.58
CA GLU A 158 14.60 -3.38 -3.84
C GLU A 158 14.30 -3.40 -2.35
N ALA A 159 13.03 -3.22 -1.98
CA ALA A 159 12.67 -3.28 -0.57
C ALA A 159 12.92 -4.67 0.00
N MET A 160 12.60 -5.72 -0.77
CA MET A 160 12.84 -7.09 -0.32
C MET A 160 14.33 -7.32 -0.08
N ASP A 161 15.17 -6.86 -1.01
CA ASP A 161 16.60 -7.12 -0.88
C ASP A 161 17.15 -6.48 0.39
N ILE A 162 16.76 -5.24 0.67
CA ILE A 162 17.22 -4.57 1.89
C ILE A 162 16.66 -5.29 3.12
N SER A 163 15.37 -5.62 3.09
CA SER A 163 14.74 -6.20 4.27
CA SER A 163 14.72 -6.21 4.26
C SER A 163 15.37 -7.54 4.63
N LYS A 164 15.75 -8.34 3.64
CA LYS A 164 16.35 -9.63 3.93
C LYS A 164 17.74 -9.49 4.51
N LYS A 165 18.47 -8.45 4.12
CA LYS A 165 19.81 -8.21 4.65
C LYS A 165 19.79 -7.57 6.04
N GLU A 166 18.81 -6.70 6.30
CA GLU A 166 18.91 -5.80 7.43
C GLU A 166 17.88 -6.00 8.54
N MET A 167 16.87 -6.83 8.34
CA MET A 167 15.78 -6.98 9.30
CA MET A 167 15.81 -6.97 9.31
C MET A 167 15.57 -8.44 9.62
N PRO A 168 15.14 -8.76 10.84
CA PRO A 168 14.81 -10.16 11.17
C PRO A 168 13.55 -10.58 10.45
N PRO A 169 13.35 -11.89 10.28
CA PRO A 169 12.19 -12.38 9.52
C PRO A 169 10.85 -12.08 10.14
N THR A 170 10.80 -11.71 11.42
CA THR A 170 9.56 -11.35 12.08
C THR A 170 9.28 -9.87 12.06
N ASN A 171 10.18 -9.05 11.53
CA ASN A 171 9.98 -7.61 11.59
C ASN A 171 8.67 -7.26 10.88
N PRO A 172 7.76 -6.51 11.52
CA PRO A 172 6.46 -6.26 10.89
C PRO A 172 6.54 -5.54 9.55
N ILE A 173 7.52 -4.66 9.36
CA ILE A 173 7.68 -4.01 8.05
C ILE A 173 8.04 -5.05 7.00
N ARG A 174 9.02 -5.90 7.31
CA ARG A 174 9.41 -6.95 6.39
C ARG A 174 8.24 -7.89 6.09
N LEU A 175 7.48 -8.26 7.12
CA LEU A 175 6.34 -9.15 6.91
C LEU A 175 5.29 -8.51 6.02
N GLY A 176 4.93 -7.25 6.29
CA GLY A 176 3.92 -6.58 5.48
C GLY A 176 4.36 -6.35 4.05
N LEU A 177 5.65 -6.09 3.84
CA LEU A 177 6.20 -5.99 2.50
C LEU A 177 6.05 -7.31 1.75
N ALA A 178 6.46 -8.41 2.39
CA ALA A 178 6.33 -9.72 1.75
C ALA A 178 4.88 -10.03 1.44
N LEU A 179 3.98 -9.73 2.38
CA LEU A 179 2.55 -9.91 2.15
C LEU A 179 2.10 -9.17 0.90
N ASN A 180 2.44 -7.87 0.81
CA ASN A 180 1.96 -7.09 -0.34
C ASN A 180 2.62 -7.50 -1.65
N PHE A 181 3.90 -7.88 -1.61
CA PHE A 181 4.56 -8.36 -2.81
C PHE A 181 3.91 -9.67 -3.26
N SER A 182 3.50 -10.51 -2.31
CA SER A 182 2.82 -11.76 -2.69
CA SER A 182 2.81 -11.75 -2.66
C SER A 182 1.47 -11.45 -3.34
N VAL A 183 0.76 -10.43 -2.86
CA VAL A 183 -0.49 -10.00 -3.49
C VAL A 183 -0.22 -9.48 -4.88
N PHE A 184 0.84 -8.69 -5.04
CA PHE A 184 1.25 -8.25 -6.37
C PHE A 184 1.43 -9.44 -7.31
N HIS A 185 2.15 -10.48 -6.87
CA HIS A 185 2.37 -11.62 -7.74
C HIS A 185 1.04 -12.28 -8.13
N TYR A 186 0.15 -12.44 -7.17
CA TYR A 186 -1.09 -13.18 -7.41
C TYR A 186 -2.08 -12.38 -8.24
N GLU A 187 -2.28 -11.10 -7.90
CA GLU A 187 -3.38 -10.31 -8.44
C GLU A 187 -2.97 -9.46 -9.64
N ILE A 188 -1.70 -9.10 -9.76
CA ILE A 188 -1.20 -8.19 -10.80
C ILE A 188 -0.35 -8.90 -11.84
N ALA A 189 0.63 -9.70 -11.39
CA ALA A 189 1.66 -10.24 -12.28
C ALA A 189 1.33 -11.61 -12.82
N ASN A 190 0.13 -12.13 -12.55
CA ASN A 190 -0.26 -13.42 -13.10
C ASN A 190 0.73 -14.51 -12.71
N SER A 191 1.22 -14.45 -11.47
CA SER A 191 2.23 -15.38 -10.96
C SER A 191 1.78 -15.99 -9.65
N PRO A 192 0.68 -16.77 -9.66
CA PRO A 192 0.19 -17.32 -8.39
C PRO A 192 1.17 -18.25 -7.69
N GLU A 193 1.98 -18.99 -8.45
CA GLU A 193 2.96 -19.87 -7.80
C GLU A 193 4.01 -19.06 -7.05
N GLU A 194 4.46 -17.94 -7.62
CA GLU A 194 5.40 -17.09 -6.92
C GLU A 194 4.76 -16.50 -5.66
N ALA A 195 3.51 -16.09 -5.77
CA ALA A 195 2.77 -15.56 -4.62
C ALA A 195 2.73 -16.58 -3.49
N ILE A 196 2.39 -17.83 -3.83
CA ILE A 196 2.25 -18.88 -2.83
C ILE A 196 3.61 -19.20 -2.21
N SER A 197 4.65 -19.32 -3.04
CA SER A 197 5.98 -19.62 -2.52
CA SER A 197 5.98 -19.62 -2.52
C SER A 197 6.47 -18.52 -1.59
N LEU A 198 6.32 -17.26 -1.99
CA LEU A 198 6.74 -16.16 -1.14
C LEU A 198 6.00 -16.17 0.18
N ALA A 199 4.67 -16.34 0.14
CA ALA A 199 3.90 -16.32 1.37
C ALA A 199 4.30 -17.46 2.30
N LYS A 200 4.50 -18.66 1.75
CA LYS A 200 4.89 -19.82 2.56
CA LYS A 200 4.87 -19.80 2.58
C LYS A 200 6.24 -19.62 3.20
N THR A 201 7.24 -19.23 2.39
CA THR A 201 8.58 -19.05 2.92
CA THR A 201 8.57 -19.09 2.96
C THR A 201 8.61 -17.95 3.97
N THR A 202 7.90 -16.84 3.70
CA THR A 202 7.87 -15.75 4.67
C THR A 202 7.27 -16.23 5.98
N PHE A 203 6.15 -16.94 5.90
CA PHE A 203 5.48 -17.43 7.10
C PHE A 203 6.39 -18.36 7.89
N ASP A 204 7.01 -19.32 7.19
CA ASP A 204 7.83 -20.32 7.85
C ASP A 204 9.07 -19.72 8.49
N GLU A 205 9.71 -18.75 7.82
CA GLU A 205 10.89 -18.13 8.40
CA GLU A 205 10.90 -18.14 8.41
C GLU A 205 10.53 -17.25 9.59
N ALA A 206 9.36 -16.64 9.57
CA ALA A 206 8.92 -15.89 10.73
C ALA A 206 8.61 -16.82 11.89
N MET A 207 7.90 -17.92 11.62
N MET A 207 7.91 -17.92 11.62
CA MET A 207 7.59 -18.90 12.67
CA MET A 207 7.58 -18.86 12.68
C MET A 207 8.83 -19.22 13.46
C MET A 207 8.82 -19.29 13.46
N ALA A 208 9.92 -19.53 12.75
CA ALA A 208 11.15 -19.99 13.36
C ALA A 208 11.87 -18.93 14.17
N ASP A 209 11.49 -17.66 14.05
CA ASP A 209 12.14 -16.56 14.75
C ASP A 209 11.25 -16.01 15.88
N LEU A 210 10.01 -16.50 16.01
CA LEU A 210 9.12 -15.97 17.05
C LEU A 210 9.69 -16.15 18.45
N HIS A 211 10.49 -17.19 18.68
CA HIS A 211 11.00 -17.47 20.01
C HIS A 211 11.88 -16.35 20.53
N THR A 212 12.38 -15.47 19.65
CA THR A 212 13.26 -14.38 20.06
C THR A 212 12.51 -13.16 20.57
N LEU A 213 11.19 -13.15 20.45
CA LEU A 213 10.42 -11.94 20.62
C LEU A 213 9.77 -11.84 21.99
N SER A 214 9.54 -10.60 22.40
CA SER A 214 8.71 -10.30 23.56
C SER A 214 7.25 -10.60 23.26
N GLU A 215 6.43 -10.60 24.32
CA GLU A 215 5.00 -10.83 24.16
C GLU A 215 4.39 -9.81 23.18
N ASP A 216 4.75 -8.54 23.33
CA ASP A 216 4.15 -7.53 22.46
C ASP A 216 4.62 -7.68 21.00
N SER A 217 5.90 -7.94 20.79
CA SER A 217 6.40 -8.13 19.42
C SER A 217 5.83 -9.40 18.81
N TYR A 218 5.67 -10.44 19.62
CA TYR A 218 5.02 -11.67 19.15
C TYR A 218 3.61 -11.39 18.64
N LYS A 219 2.84 -10.59 19.38
CA LYS A 219 1.51 -10.23 18.91
CA LYS A 219 1.51 -10.23 18.92
C LYS A 219 1.57 -9.47 17.60
N ASP A 220 2.49 -8.50 17.49
CA ASP A 220 2.60 -7.72 16.26
C ASP A 220 2.89 -8.60 15.06
N SER A 221 3.87 -9.50 15.20
CA SER A 221 4.27 -10.34 14.07
C SER A 221 3.21 -11.38 13.72
N THR A 222 2.63 -12.03 14.73
CA THR A 222 1.66 -13.09 14.43
C THR A 222 0.41 -12.52 13.77
N LEU A 223 0.04 -11.28 14.07
CA LEU A 223 -1.10 -10.69 13.38
C LEU A 223 -0.89 -10.67 11.88
N ILE A 224 0.30 -10.28 11.43
CA ILE A 224 0.55 -10.19 10.00
C ILE A 224 0.73 -11.57 9.41
N MET A 225 1.37 -12.47 10.17
CA MET A 225 1.47 -13.85 9.71
C MET A 225 0.11 -14.45 9.42
N GLN A 226 -0.90 -14.08 10.21
CA GLN A 226 -2.24 -14.60 9.97
C GLN A 226 -2.78 -14.18 8.61
N LEU A 227 -2.42 -12.97 8.15
CA LEU A 227 -2.85 -12.55 6.82
C LEU A 227 -2.17 -13.39 5.73
N LEU A 228 -0.88 -13.69 5.90
CA LEU A 228 -0.21 -14.60 4.98
C LEU A 228 -0.92 -15.95 4.93
N ARG A 229 -1.29 -16.48 6.10
CA ARG A 229 -1.97 -17.76 6.16
C ARG A 229 -3.37 -17.68 5.54
N ASP A 230 -4.09 -16.59 5.79
CA ASP A 230 -5.41 -16.42 5.18
C ASP A 230 -5.30 -16.45 3.67
N ASN A 231 -4.29 -15.77 3.11
CA ASN A 231 -4.13 -15.78 1.66
C ASN A 231 -3.76 -17.16 1.16
N LEU A 232 -2.85 -17.84 1.85
CA LEU A 232 -2.50 -19.20 1.42
C LEU A 232 -3.73 -20.09 1.39
N THR A 233 -4.62 -19.96 2.37
CA THR A 233 -5.85 -20.76 2.38
C THR A 233 -6.74 -20.42 1.18
N LEU A 234 -6.82 -19.14 0.83
CA LEU A 234 -7.61 -18.74 -0.33
C LEU A 234 -7.00 -19.24 -1.62
N TRP A 235 -5.67 -19.24 -1.70
CA TRP A 235 -4.97 -19.48 -2.96
C TRP A 235 -4.70 -20.95 -3.24
N THR A 236 -4.79 -21.81 -2.22
CA THR A 236 -4.48 -23.22 -2.38
C THR A 236 -5.66 -24.09 -1.98
N ARG B 7 -9.98 -10.59 -3.38
CA ARG B 7 -10.21 -11.32 -2.13
C ARG B 7 -8.90 -11.44 -1.36
N SER B 8 -7.77 -11.34 -2.07
CA SER B 8 -6.47 -11.41 -1.39
C SER B 8 -6.33 -10.26 -0.41
N ARG B 9 -5.83 -10.57 0.78
CA ARG B 9 -5.61 -9.59 1.84
C ARG B 9 -4.24 -8.93 1.71
N SEP B 10 -4.18 -7.61 1.70
CA SEP B 10 -2.91 -6.90 1.79
CB SEP B 10 -2.83 -5.83 0.69
OG SEP B 10 -3.92 -4.93 0.86
C SEP B 10 -2.81 -6.28 3.17
O SEP B 10 -3.72 -6.42 3.99
P SEP B 10 -4.10 -3.81 -0.28
O1P SEP B 10 -5.31 -2.95 0.25
O2P SEP B 10 -2.77 -2.93 -0.32
O3P SEP B 10 -4.41 -4.51 -1.66
HA SEP B 10 -2.17 -7.53 1.66
HB2 SEP B 10 -2.90 -6.26 -0.18
HB3 SEP B 10 -1.99 -5.34 0.76
N SER B 11 -1.71 -5.60 3.43
CA SER B 11 -1.47 -4.99 4.73
C SER B 11 -2.60 -4.05 5.12
N LEU B 12 -2.98 -4.10 6.38
CA LEU B 12 -4.08 -3.27 6.85
C LEU B 12 -3.77 -1.78 6.64
N ALA B 13 -4.83 -1.01 6.43
CA ALA B 13 -4.67 0.43 6.29
C ALA B 13 -3.97 1.02 7.50
N THR B 14 -4.17 0.44 8.68
CA THR B 14 -3.51 0.90 9.90
C THR B 14 -2.04 0.49 9.93
MG MG C . 8.43 25.96 11.81
MG MG D . 18.61 10.29 6.24
CL CL E . -7.25 23.32 10.50
CL CL F . 19.06 -9.54 0.21
#